data_7AZB
#
_entry.id   7AZB
#
_cell.length_a   63.244
_cell.length_b   63.244
_cell.length_c   120.854
_cell.angle_alpha   90
_cell.angle_beta   90
_cell.angle_gamma   120
#
_symmetry.space_group_name_H-M   'P 31 2 1'
#
loop_
_entity.id
_entity.type
_entity.pdbx_description
1 polymer 'Discoidin domain-containing receptor 2'
2 polymer VHH
3 water water
#
loop_
_entity_poly.entity_id
_entity_poly.type
_entity_poly.pdbx_seq_one_letter_code
_entity_poly.pdbx_strand_id
1 'polypeptide(L)'
;ALANPAICRYPLGMSGGQIPDEDITASSQWSESTAAKYGRLDSEEGDGAWCPEIPVEPDDLKEFLQIDLHTLHFITLVGT
QGRHAGGHGIEFAPMYKINYSRDGTRWISWRNRHGKQVLDGNSNPYDIFLKDLEPPIVARFVRFIPVTDHSMNVCMRVEL
YGCVWLDG
;
A
2 'polypeptide(L)'
;MKYLLPTAAAGLLLLAAQPAMAEVQLQASGGGFVQPGGSLRLSCAASGSSSWLDGMGWFRQAPGKEREFVSAISGQDNYA
SYYADSVKGRFTISRDNSKNTVYLQMNSLRAEDTATYYCAPQRSIYQSHKPIYWGQGTQVTVSSAAAHHHHHH
;
B
#
# COMPACT_ATOMS: atom_id res chain seq x y z
N ALA A 6 -12.25 -21.97 -13.37
CA ALA A 6 -13.15 -22.22 -12.26
C ALA A 6 -12.56 -21.71 -10.92
N ILE A 7 -11.90 -22.58 -10.14
CA ILE A 7 -11.26 -22.24 -8.89
C ILE A 7 -9.78 -22.59 -8.97
N CYS A 8 -9.05 -21.61 -9.51
CA CYS A 8 -7.62 -21.56 -9.70
C CYS A 8 -7.25 -20.07 -9.45
N ARG A 9 -7.21 -19.74 -8.16
CA ARG A 9 -6.93 -18.42 -7.64
C ARG A 9 -5.64 -18.51 -6.82
N TYR A 10 -4.68 -19.38 -7.25
CA TYR A 10 -3.43 -19.58 -6.55
C TYR A 10 -2.45 -18.42 -6.76
N PRO A 11 -1.75 -17.96 -5.68
CA PRO A 11 -0.70 -16.93 -5.87
C PRO A 11 0.42 -17.52 -6.75
N LEU A 12 0.80 -16.78 -7.81
CA LEU A 12 1.73 -17.26 -8.81
C LEU A 12 3.21 -17.05 -8.46
N GLY A 13 3.49 -16.30 -7.38
CA GLY A 13 4.86 -16.18 -6.90
C GLY A 13 5.43 -14.84 -6.57
N MET A 14 4.64 -13.77 -6.59
CA MET A 14 5.21 -12.44 -6.31
C MET A 14 5.59 -12.21 -4.86
N SER A 15 4.71 -12.42 -3.87
CA SER A 15 5.07 -12.24 -2.46
C SER A 15 5.93 -13.40 -1.96
N GLY A 16 5.60 -14.61 -2.39
CA GLY A 16 6.32 -15.82 -1.97
C GLY A 16 7.78 -15.90 -2.36
N GLY A 17 8.13 -15.31 -3.52
CA GLY A 17 9.49 -15.31 -4.06
C GLY A 17 9.74 -16.33 -5.16
N GLN A 18 8.71 -17.11 -5.50
CA GLN A 18 8.75 -18.13 -6.54
C GLN A 18 9.07 -17.52 -7.91
N ILE A 19 8.57 -16.30 -8.18
CA ILE A 19 8.92 -15.53 -9.37
C ILE A 19 10.18 -14.80 -8.88
N PRO A 20 11.41 -15.17 -9.33
CA PRO A 20 12.61 -14.51 -8.78
C PRO A 20 12.83 -13.10 -9.29
N ASP A 21 13.66 -12.34 -8.59
CA ASP A 21 14.02 -10.94 -8.88
C ASP A 21 14.24 -10.63 -10.37
N GLU A 22 15.09 -11.43 -11.02
CA GLU A 22 15.49 -11.40 -12.43
C GLU A 22 14.31 -11.40 -13.43
N ASP A 23 13.17 -12.07 -13.04
CA ASP A 23 11.94 -12.23 -13.83
C ASP A 23 11.03 -11.03 -13.75
N ILE A 24 11.35 -10.10 -12.85
CA ILE A 24 10.60 -8.87 -12.66
C ILE A 24 11.45 -7.72 -13.22
N THR A 25 10.88 -7.06 -14.25
CA THR A 25 11.45 -5.90 -14.96
C THR A 25 10.40 -4.76 -14.95
N ALA A 26 10.80 -3.57 -15.43
CA ALA A 26 9.97 -2.36 -15.47
C ALA A 26 10.57 -1.32 -16.42
N SER A 27 9.69 -0.43 -16.96
CA SER A 27 10.01 0.70 -17.85
C SER A 27 11.17 1.53 -17.29
N SER A 28 11.07 2.01 -16.03
CA SER A 28 12.09 2.80 -15.33
C SER A 28 11.97 2.62 -13.80
N GLN A 29 12.94 3.18 -13.04
CA GLN A 29 12.98 3.15 -11.58
C GLN A 29 13.54 4.46 -11.01
N TRP A 30 12.84 5.04 -10.03
CA TRP A 30 13.25 6.26 -9.35
C TRP A 30 14.64 6.06 -8.69
N SER A 31 14.83 4.93 -7.99
CA SER A 31 16.06 4.55 -7.31
C SER A 31 16.28 3.05 -7.36
N GLU A 32 17.44 2.60 -6.88
CA GLU A 32 17.80 1.18 -6.79
C GLU A 32 16.90 0.49 -5.73
N SER A 33 16.59 1.23 -4.64
CA SER A 33 15.73 0.84 -3.53
C SER A 33 14.24 0.76 -3.97
N THR A 34 13.91 1.38 -5.13
CA THR A 34 12.56 1.37 -5.69
C THR A 34 12.56 0.59 -7.01
N ALA A 35 13.53 -0.35 -7.18
CA ALA A 35 13.69 -1.18 -8.39
C ALA A 35 12.47 -2.06 -8.60
N ALA A 36 12.30 -2.61 -9.81
CA ALA A 36 11.18 -3.47 -10.19
C ALA A 36 10.96 -4.64 -9.21
N LYS A 37 12.06 -5.33 -8.83
CA LYS A 37 12.08 -6.47 -7.92
C LYS A 37 11.31 -6.20 -6.61
N TYR A 38 11.25 -4.93 -6.15
CA TYR A 38 10.56 -4.50 -4.93
C TYR A 38 9.02 -4.42 -5.03
N GLY A 39 8.47 -4.68 -6.21
CA GLY A 39 7.04 -4.57 -6.45
C GLY A 39 6.32 -5.85 -6.15
N ARG A 40 6.64 -6.45 -4.99
CA ARG A 40 6.05 -7.72 -4.56
C ARG A 40 5.06 -7.44 -3.51
N LEU A 41 3.83 -7.96 -3.66
CA LEU A 41 2.76 -7.73 -2.69
C LEU A 41 3.21 -8.11 -1.26
N ASP A 42 2.87 -7.27 -0.28
CA ASP A 42 3.17 -7.45 1.15
C ASP A 42 4.65 -7.21 1.52
N SER A 43 5.54 -6.94 0.54
CA SER A 43 6.97 -6.69 0.79
C SER A 43 7.23 -5.30 1.38
N GLU A 44 8.21 -5.19 2.30
CA GLU A 44 8.60 -3.91 2.89
C GLU A 44 10.08 -3.60 2.68
N GLU A 45 10.71 -4.45 1.87
CA GLU A 45 12.09 -4.38 1.46
C GLU A 45 12.32 -3.19 0.51
N GLY A 46 13.51 -2.60 0.58
CA GLY A 46 13.88 -1.44 -0.20
C GLY A 46 13.17 -0.21 0.35
N ASP A 47 12.56 0.58 -0.54
CA ASP A 47 11.80 1.74 -0.06
C ASP A 47 10.26 1.44 -0.03
N GLY A 48 9.90 0.16 -0.14
CA GLY A 48 8.52 -0.30 0.00
C GLY A 48 7.73 -0.69 -1.22
N ALA A 49 8.23 -0.40 -2.44
CA ALA A 49 7.53 -0.74 -3.69
C ALA A 49 8.42 -0.53 -4.90
N TRP A 50 7.84 -0.70 -6.09
CA TRP A 50 8.47 -0.33 -7.35
C TRP A 50 7.93 1.10 -7.61
N CYS A 51 8.81 2.04 -7.93
CA CYS A 51 8.42 3.41 -8.25
C CYS A 51 9.18 3.75 -9.49
N PRO A 52 8.51 4.20 -10.57
CA PRO A 52 9.26 4.58 -11.78
C PRO A 52 9.93 5.94 -11.61
N GLU A 53 10.63 6.48 -12.66
CA GLU A 53 11.19 7.85 -12.64
C GLU A 53 9.96 8.75 -12.86
N ILE A 54 9.14 8.84 -11.81
CA ILE A 54 7.82 9.48 -11.73
C ILE A 54 7.86 10.97 -12.13
N PRO A 55 6.70 11.60 -12.45
CA PRO A 55 5.32 11.12 -12.36
C PRO A 55 4.74 10.57 -13.66
N VAL A 56 3.63 9.82 -13.53
CA VAL A 56 2.94 9.28 -14.70
C VAL A 56 1.98 10.33 -15.24
N GLU A 57 2.12 10.57 -16.54
CA GLU A 57 1.35 11.52 -17.34
C GLU A 57 0.06 10.86 -17.80
N PRO A 58 -1.14 11.44 -17.53
CA PRO A 58 -2.39 10.80 -18.00
C PRO A 58 -2.47 10.57 -19.51
N ASP A 59 -1.84 11.48 -20.32
CA ASP A 59 -1.81 11.42 -21.80
C ASP A 59 -0.86 10.33 -22.34
N ASP A 60 0.39 10.31 -21.78
CA ASP A 60 1.51 9.40 -22.09
C ASP A 60 1.66 8.34 -20.99
N LEU A 61 0.93 7.21 -21.11
CA LEU A 61 0.98 6.11 -20.12
C LEU A 61 2.04 5.11 -20.63
N LYS A 62 3.32 5.50 -20.41
CA LYS A 62 4.52 4.83 -20.89
C LYS A 62 5.23 3.97 -19.87
N GLU A 63 4.82 4.07 -18.60
CA GLU A 63 5.42 3.29 -17.51
C GLU A 63 4.71 1.96 -17.27
N PHE A 64 5.49 0.94 -16.87
CA PHE A 64 4.99 -0.41 -16.63
C PHE A 64 5.88 -1.24 -15.70
N LEU A 65 5.28 -2.31 -15.12
CA LEU A 65 5.96 -3.33 -14.32
C LEU A 65 5.62 -4.64 -14.99
N GLN A 66 6.67 -5.34 -15.41
CA GLN A 66 6.57 -6.58 -16.16
C GLN A 66 7.10 -7.74 -15.38
N ILE A 67 6.32 -8.80 -15.37
CA ILE A 67 6.59 -10.08 -14.72
C ILE A 67 6.69 -11.12 -15.83
N ASP A 68 7.79 -11.92 -15.85
CA ASP A 68 7.95 -13.04 -16.79
C ASP A 68 7.67 -14.33 -16.03
N LEU A 69 6.56 -15.01 -16.36
CA LEU A 69 6.11 -16.27 -15.74
C LEU A 69 6.81 -17.53 -16.34
N HIS A 70 7.49 -17.39 -17.51
CA HIS A 70 8.23 -18.42 -18.28
C HIS A 70 7.36 -19.45 -18.96
N THR A 71 6.39 -20.02 -18.25
CA THR A 71 5.46 -20.98 -18.84
C THR A 71 4.10 -20.29 -19.02
N LEU A 72 3.20 -20.85 -19.85
CA LEU A 72 1.90 -20.22 -20.03
C LEU A 72 0.96 -20.47 -18.85
N HIS A 73 0.44 -19.40 -18.25
CA HIS A 73 -0.47 -19.48 -17.12
C HIS A 73 -1.84 -18.97 -17.46
N PHE A 74 -2.78 -19.21 -16.54
CA PHE A 74 -4.11 -18.67 -16.48
C PHE A 74 -3.99 -17.64 -15.34
N ILE A 75 -4.32 -16.38 -15.61
CA ILE A 75 -4.33 -15.27 -14.65
C ILE A 75 -5.80 -14.87 -14.52
N THR A 76 -6.43 -15.31 -13.43
CA THR A 76 -7.84 -15.08 -13.18
C THR A 76 -8.11 -13.84 -12.30
N LEU A 77 -7.10 -13.41 -11.53
CA LEU A 77 -7.21 -12.34 -10.52
C LEU A 77 -5.90 -11.57 -10.37
N VAL A 78 -6.00 -10.29 -10.13
CA VAL A 78 -4.77 -9.56 -9.81
C VAL A 78 -4.97 -8.84 -8.45
N GLY A 79 -3.87 -8.44 -7.84
CA GLY A 79 -3.85 -7.79 -6.55
C GLY A 79 -2.81 -6.69 -6.57
N THR A 80 -3.19 -5.50 -6.09
CA THR A 80 -2.24 -4.39 -6.10
C THR A 80 -2.20 -3.69 -4.75
N GLN A 81 -1.09 -3.01 -4.52
CA GLN A 81 -0.86 -2.23 -3.32
C GLN A 81 0.07 -1.08 -3.70
N GLY A 82 0.16 -0.06 -2.84
CA GLY A 82 1.06 1.07 -3.04
C GLY A 82 2.34 0.89 -2.24
N ARG A 83 3.02 2.00 -1.92
CA ARG A 83 4.26 2.01 -1.14
C ARG A 83 3.88 2.37 0.31
N HIS A 84 3.51 1.39 1.12
CA HIS A 84 3.14 1.61 2.52
C HIS A 84 4.36 2.03 3.36
N ALA A 85 5.55 1.52 3.02
CA ALA A 85 6.83 1.79 3.71
C ALA A 85 6.68 1.96 5.23
N GLY A 86 5.99 0.96 5.84
CA GLY A 86 5.74 0.83 7.26
C GLY A 86 4.99 1.98 7.87
N GLY A 87 4.11 2.57 7.07
CA GLY A 87 3.27 3.70 7.44
C GLY A 87 3.84 5.04 7.10
N HIS A 88 5.01 5.10 6.46
CA HIS A 88 5.67 6.36 6.11
C HIS A 88 5.51 6.77 4.61
N GLY A 89 5.15 5.79 3.78
CA GLY A 89 4.92 5.96 2.35
C GLY A 89 3.51 6.46 2.08
N ILE A 90 3.35 7.24 1.00
CA ILE A 90 2.04 7.81 0.64
C ILE A 90 1.51 7.31 -0.71
N GLU A 91 2.42 7.00 -1.64
CA GLU A 91 2.21 6.62 -3.05
C GLU A 91 1.43 5.35 -3.31
N PHE A 92 0.70 5.36 -4.41
CA PHE A 92 -0.09 4.26 -4.96
C PHE A 92 -0.57 4.65 -6.38
N ALA A 93 -1.09 3.68 -7.12
CA ALA A 93 -1.66 3.84 -8.44
C ALA A 93 -3.19 3.90 -8.28
N PRO A 94 -3.86 5.05 -8.55
CA PRO A 94 -5.32 5.10 -8.35
C PRO A 94 -6.07 4.25 -9.37
N MET A 95 -5.43 3.96 -10.52
CA MET A 95 -5.88 3.10 -11.61
C MET A 95 -4.70 2.46 -12.29
N TYR A 96 -4.96 1.43 -13.11
CA TYR A 96 -3.97 0.72 -13.88
C TYR A 96 -4.62 -0.03 -15.03
N LYS A 97 -3.82 -0.48 -16.01
CA LYS A 97 -4.30 -1.31 -17.10
C LYS A 97 -3.37 -2.52 -17.25
N ILE A 98 -3.92 -3.66 -17.70
CA ILE A 98 -3.14 -4.89 -17.87
C ILE A 98 -2.87 -5.19 -19.34
N ASN A 99 -1.58 -5.30 -19.70
CA ASN A 99 -1.12 -5.69 -21.02
C ASN A 99 -0.48 -7.08 -20.85
N TYR A 100 -0.65 -7.97 -21.81
CA TYR A 100 -0.08 -9.32 -21.68
C TYR A 100 0.40 -9.91 -23.00
N SER A 101 1.49 -10.72 -22.96
CA SER A 101 2.06 -11.42 -24.12
C SER A 101 2.33 -12.89 -23.81
N ARG A 102 2.32 -13.74 -24.87
CA ARG A 102 2.61 -15.16 -24.77
C ARG A 102 4.02 -15.47 -25.29
N ASP A 103 4.59 -14.53 -26.08
CA ASP A 103 5.93 -14.62 -26.68
C ASP A 103 6.86 -13.45 -26.31
N GLY A 104 6.30 -12.42 -25.68
CA GLY A 104 7.03 -11.23 -25.25
C GLY A 104 7.20 -10.18 -26.33
N THR A 105 6.66 -10.47 -27.54
CA THR A 105 6.72 -9.62 -28.72
C THR A 105 5.34 -8.97 -29.02
N ARG A 106 4.28 -9.83 -29.10
CA ARG A 106 2.88 -9.49 -29.36
C ARG A 106 2.12 -9.19 -28.03
N TRP A 107 1.86 -7.89 -27.73
CA TRP A 107 1.13 -7.41 -26.54
C TRP A 107 -0.39 -7.22 -26.76
N ILE A 108 -1.20 -7.77 -25.83
CA ILE A 108 -2.68 -7.66 -25.84
C ILE A 108 -3.12 -6.82 -24.63
N SER A 109 -3.99 -5.84 -24.85
CA SER A 109 -4.53 -5.05 -23.76
C SER A 109 -5.70 -5.85 -23.26
N TRP A 110 -5.73 -6.15 -21.93
CA TRP A 110 -6.85 -6.86 -21.32
C TRP A 110 -8.00 -5.87 -21.31
N ARG A 111 -9.19 -6.39 -21.65
CA ARG A 111 -10.45 -5.69 -21.67
C ARG A 111 -11.53 -6.56 -21.08
N ASN A 112 -12.34 -5.94 -20.22
CA ASN A 112 -13.50 -6.51 -19.52
C ASN A 112 -14.54 -7.06 -20.55
N ARG A 113 -15.55 -7.85 -20.07
CA ARG A 113 -16.63 -8.39 -20.90
C ARG A 113 -17.37 -7.26 -21.64
N HIS A 114 -17.45 -6.06 -21.00
CA HIS A 114 -18.09 -4.87 -21.53
C HIS A 114 -17.22 -4.15 -22.55
N GLY A 115 -15.93 -4.04 -22.26
CA GLY A 115 -14.98 -3.42 -23.18
C GLY A 115 -14.00 -2.46 -22.56
N LYS A 116 -14.15 -2.18 -21.23
CA LYS A 116 -13.23 -1.26 -20.58
C LYS A 116 -11.89 -1.91 -20.24
N GLN A 117 -10.83 -1.18 -20.59
CA GLN A 117 -9.41 -1.48 -20.45
C GLN A 117 -8.93 -1.20 -19.04
N VAL A 118 -9.13 0.07 -18.54
CA VAL A 118 -8.71 0.62 -17.24
C VAL A 118 -9.50 0.03 -16.05
N LEU A 119 -8.75 -0.50 -15.05
CA LEU A 119 -9.28 -1.07 -13.80
C LEU A 119 -9.05 -0.06 -12.69
N ASP A 120 -9.92 -0.04 -11.68
CA ASP A 120 -9.74 0.84 -10.52
C ASP A 120 -8.61 0.27 -9.65
N GLY A 121 -7.66 1.13 -9.30
CA GLY A 121 -6.51 0.74 -8.50
C GLY A 121 -6.76 0.81 -7.01
N ASN A 122 -5.82 1.40 -6.31
CA ASN A 122 -5.88 1.55 -4.86
C ASN A 122 -6.41 2.90 -4.43
N SER A 123 -6.67 3.04 -3.14
CA SER A 123 -7.21 4.27 -2.55
C SER A 123 -6.29 4.70 -1.46
N ASN A 124 -5.22 3.92 -1.21
CA ASN A 124 -4.20 4.12 -0.16
C ASN A 124 -3.00 3.19 -0.42
N PRO A 125 -1.80 3.43 0.20
CA PRO A 125 -0.65 2.55 -0.06
C PRO A 125 -0.64 1.22 0.70
N TYR A 126 -1.57 1.04 1.68
CA TYR A 126 -1.60 -0.11 2.59
C TYR A 126 -2.40 -1.29 2.11
N ASP A 127 -3.70 -1.13 1.93
CA ASP A 127 -4.63 -2.22 1.60
C ASP A 127 -4.48 -2.80 0.21
N ILE A 128 -4.53 -4.14 0.14
CA ILE A 128 -4.49 -4.96 -1.08
C ILE A 128 -5.88 -4.80 -1.73
N PHE A 129 -5.92 -4.54 -3.05
CA PHE A 129 -7.16 -4.47 -3.81
C PHE A 129 -7.15 -5.59 -4.83
N LEU A 130 -8.12 -6.50 -4.72
CA LEU A 130 -8.23 -7.65 -5.62
C LEU A 130 -9.21 -7.41 -6.80
N LYS A 131 -8.66 -7.32 -8.03
CA LYS A 131 -9.47 -7.13 -9.24
C LYS A 131 -9.44 -8.39 -10.08
N ASP A 132 -10.62 -8.98 -10.23
CA ASP A 132 -10.94 -10.18 -11.01
C ASP A 132 -10.73 -9.87 -12.48
N LEU A 133 -10.32 -10.88 -13.26
CA LEU A 133 -10.14 -10.73 -14.69
C LEU A 133 -11.09 -11.66 -15.45
N GLU A 134 -12.20 -11.07 -15.98
CA GLU A 134 -13.23 -11.73 -16.79
C GLU A 134 -13.36 -10.96 -18.13
N PRO A 135 -12.92 -11.54 -19.29
CA PRO A 135 -12.37 -12.90 -19.49
C PRO A 135 -11.02 -13.15 -18.80
N PRO A 136 -10.72 -14.39 -18.35
CA PRO A 136 -9.40 -14.64 -17.74
C PRO A 136 -8.27 -14.60 -18.77
N ILE A 137 -7.08 -14.14 -18.34
CA ILE A 137 -5.87 -13.97 -19.16
C ILE A 137 -5.09 -15.29 -19.32
N VAL A 138 -4.57 -15.57 -20.52
CA VAL A 138 -3.69 -16.71 -20.79
C VAL A 138 -2.42 -16.07 -21.31
N ALA A 139 -1.35 -16.04 -20.48
CA ALA A 139 -0.10 -15.34 -20.82
C ALA A 139 1.12 -15.92 -20.16
N ARG A 140 2.30 -15.54 -20.69
CA ARG A 140 3.63 -15.88 -20.21
C ARG A 140 4.27 -14.62 -19.65
N PHE A 141 3.79 -13.46 -20.13
CA PHE A 141 4.21 -12.12 -19.74
C PHE A 141 3.02 -11.26 -19.34
N VAL A 142 3.10 -10.58 -18.20
CA VAL A 142 2.02 -9.68 -17.76
C VAL A 142 2.63 -8.33 -17.41
N ARG A 143 1.96 -7.24 -17.85
CA ARG A 143 2.37 -5.86 -17.64
C ARG A 143 1.32 -5.11 -16.93
N PHE A 144 1.74 -4.37 -15.91
CA PHE A 144 0.84 -3.52 -15.12
C PHE A 144 1.20 -2.08 -15.48
N ILE A 145 0.24 -1.33 -16.04
CA ILE A 145 0.49 0.06 -16.41
C ILE A 145 -0.30 0.99 -15.50
N PRO A 146 0.37 1.75 -14.62
CA PRO A 146 -0.38 2.70 -13.78
C PRO A 146 -1.03 3.80 -14.65
N VAL A 147 -2.32 4.07 -14.40
CA VAL A 147 -3.14 5.03 -15.13
C VAL A 147 -3.65 6.13 -14.20
N THR A 148 -3.50 7.42 -14.61
CA THR A 148 -3.92 8.56 -13.79
C THR A 148 -4.79 9.60 -14.56
N ASP A 149 -5.26 10.65 -13.82
CA ASP A 149 -6.06 11.78 -14.29
C ASP A 149 -5.24 13.09 -14.26
N HIS A 150 -4.06 13.05 -13.61
CA HIS A 150 -3.12 14.15 -13.46
C HIS A 150 -1.71 13.61 -13.23
N SER A 151 -0.67 14.44 -13.45
CA SER A 151 0.71 14.00 -13.26
C SER A 151 1.01 13.78 -11.77
N MET A 152 0.75 12.54 -11.29
CA MET A 152 0.99 12.14 -9.90
C MET A 152 2.01 11.02 -9.79
N ASN A 153 2.73 10.99 -8.65
CA ASN A 153 3.71 9.97 -8.35
C ASN A 153 2.96 8.69 -7.97
N VAL A 154 3.25 7.61 -8.68
CA VAL A 154 2.68 6.28 -8.39
C VAL A 154 3.83 5.37 -7.88
N CYS A 155 3.45 4.26 -7.24
CA CYS A 155 4.26 3.16 -6.74
C CYS A 155 3.35 1.98 -6.68
N MET A 156 3.89 0.78 -6.89
CA MET A 156 3.08 -0.44 -6.86
C MET A 156 3.81 -1.62 -6.30
N ARG A 157 3.04 -2.54 -5.69
CA ARG A 157 3.40 -3.89 -5.25
C ARG A 157 2.25 -4.69 -5.80
N VAL A 158 2.54 -5.77 -6.53
CA VAL A 158 1.57 -6.60 -7.20
C VAL A 158 1.67 -8.09 -6.87
N GLU A 159 0.64 -8.81 -7.29
CA GLU A 159 0.51 -10.24 -7.22
C GLU A 159 -0.49 -10.63 -8.29
N LEU A 160 -0.15 -11.73 -9.01
CA LEU A 160 -0.98 -12.34 -10.04
C LEU A 160 -1.53 -13.63 -9.46
N TYR A 161 -2.81 -13.92 -9.67
CA TYR A 161 -3.43 -15.17 -9.20
C TYR A 161 -4.02 -15.92 -10.35
N GLY A 162 -3.78 -17.22 -10.35
CA GLY A 162 -4.26 -18.16 -11.36
C GLY A 162 -3.65 -19.54 -11.21
N CYS A 163 -3.38 -20.20 -12.34
CA CYS A 163 -2.78 -21.55 -12.39
C CYS A 163 -2.01 -21.73 -13.67
N VAL A 164 -1.28 -22.82 -13.79
CA VAL A 164 -0.51 -23.15 -15.01
C VAL A 164 -1.45 -23.81 -16.05
N TRP A 165 -0.98 -23.91 -17.32
CA TRP A 165 -1.68 -24.58 -18.42
C TRP A 165 -1.47 -26.10 -18.37
N GLN B 25 7.59 18.02 13.69
CA GLN B 25 7.45 17.25 14.93
C GLN B 25 6.05 17.43 15.52
N LEU B 26 5.33 16.30 15.73
CA LEU B 26 3.97 16.26 16.29
C LEU B 26 3.95 15.70 17.72
N GLN B 27 2.96 16.14 18.54
CA GLN B 27 2.84 15.78 19.95
C GLN B 27 1.53 15.03 20.24
N ALA B 28 1.65 13.77 20.70
CA ALA B 28 0.52 12.90 21.04
C ALA B 28 0.19 12.92 22.52
N SER B 29 -1.10 12.83 22.85
CA SER B 29 -1.60 12.86 24.22
C SER B 29 -2.96 12.14 24.32
N GLY B 30 -3.45 11.99 25.56
CA GLY B 30 -4.77 11.41 25.86
C GLY B 30 -4.82 9.95 26.27
N GLY B 31 -3.67 9.39 26.64
CA GLY B 31 -3.55 7.99 27.05
C GLY B 31 -3.91 7.77 28.50
N GLY B 32 -3.85 6.50 28.96
CA GLY B 32 -4.17 6.07 30.31
C GLY B 32 -4.54 4.60 30.43
N PHE B 33 -4.93 4.15 31.63
CA PHE B 33 -5.33 2.75 31.90
C PHE B 33 -6.80 2.51 31.53
N VAL B 34 -7.06 1.39 30.82
CA VAL B 34 -8.36 0.99 30.27
C VAL B 34 -8.58 -0.52 30.43
N GLN B 35 -9.80 -0.94 30.81
CA GLN B 35 -10.17 -2.35 30.96
C GLN B 35 -10.46 -2.97 29.60
N PRO B 36 -10.11 -4.25 29.37
CA PRO B 36 -10.47 -4.89 28.08
C PRO B 36 -11.95 -4.71 27.69
N GLY B 37 -12.16 -4.23 26.45
CA GLY B 37 -13.48 -3.94 25.88
C GLY B 37 -13.74 -2.45 25.80
N GLY B 38 -12.98 -1.70 26.59
CA GLY B 38 -13.07 -0.24 26.74
C GLY B 38 -12.85 0.63 25.52
N SER B 39 -12.83 1.93 25.75
CA SER B 39 -12.65 2.92 24.71
C SER B 39 -11.68 4.02 25.19
N LEU B 40 -11.03 4.75 24.23
CA LEU B 40 -10.08 5.82 24.49
C LEU B 40 -9.87 6.65 23.20
N ARG B 41 -9.69 7.96 23.33
CA ARG B 41 -9.48 8.87 22.22
C ARG B 41 -8.17 9.54 22.46
N LEU B 42 -7.26 9.43 21.48
CA LEU B 42 -5.94 10.01 21.57
C LEU B 42 -5.90 11.24 20.70
N SER B 43 -5.07 12.22 21.06
CA SER B 43 -4.98 13.47 20.33
C SER B 43 -3.57 13.73 19.85
N CYS B 44 -3.43 14.58 18.84
CA CYS B 44 -2.13 14.92 18.28
C CYS B 44 -2.16 16.29 17.60
N ALA B 45 -1.14 17.13 17.85
CA ALA B 45 -0.99 18.47 17.28
C ALA B 45 0.47 18.90 17.30
N ALA B 46 0.83 19.94 16.50
CA ALA B 46 2.19 20.49 16.44
C ALA B 46 2.37 21.63 17.46
N LEU B 53 0.90 19.92 6.66
CA LEU B 53 1.12 18.59 7.26
C LEU B 53 0.01 17.59 6.83
N ASP B 54 -0.14 17.37 5.49
CA ASP B 54 -1.19 16.49 4.95
C ASP B 54 -1.01 15.02 5.36
N GLY B 55 0.08 14.39 4.91
CA GLY B 55 0.41 13.01 5.25
C GLY B 55 0.65 12.86 6.74
N MET B 56 -0.22 12.13 7.43
CA MET B 56 -0.11 11.99 8.88
C MET B 56 -0.46 10.57 9.35
N GLY B 57 0.39 9.97 10.18
CA GLY B 57 0.18 8.63 10.69
C GLY B 57 0.30 8.41 12.18
N TRP B 58 -0.45 7.39 12.70
CA TRP B 58 -0.48 6.90 14.08
C TRP B 58 0.34 5.64 14.14
N PHE B 59 1.29 5.61 15.07
CA PHE B 59 2.24 4.51 15.30
C PHE B 59 2.27 4.16 16.77
N ARG B 60 2.67 2.93 17.12
CA ARG B 60 2.76 2.54 18.54
C ARG B 60 4.00 1.68 18.82
N GLN B 61 4.51 1.80 20.05
CA GLN B 61 5.64 1.01 20.52
C GLN B 61 5.24 0.25 21.78
N ALA B 62 5.02 -1.06 21.62
CA ALA B 62 4.76 -1.99 22.71
C ALA B 62 6.14 -2.27 23.34
N PRO B 63 6.25 -2.47 24.67
CA PRO B 63 7.60 -2.66 25.25
C PRO B 63 8.23 -3.98 24.84
N GLY B 64 9.37 -3.90 24.16
CA GLY B 64 10.08 -5.06 23.65
C GLY B 64 9.77 -5.35 22.19
N LYS B 65 8.90 -4.53 21.58
CA LYS B 65 8.52 -4.55 20.17
C LYS B 65 8.99 -3.26 19.51
N GLU B 66 9.12 -3.28 18.17
CA GLU B 66 9.53 -2.11 17.39
C GLU B 66 8.29 -1.26 17.07
N ARG B 67 8.47 -0.01 16.59
CA ARG B 67 7.36 0.87 16.26
C ARG B 67 6.60 0.33 15.06
N GLU B 68 5.28 0.20 15.17
CA GLU B 68 4.46 -0.30 14.08
C GLU B 68 3.36 0.70 13.75
N PHE B 69 2.87 0.65 12.52
CA PHE B 69 1.82 1.52 11.99
C PHE B 69 0.46 1.10 12.55
N VAL B 70 -0.39 2.10 12.87
CA VAL B 70 -1.72 1.85 13.43
C VAL B 70 -2.81 2.39 12.46
N SER B 71 -2.62 3.62 11.93
CA SER B 71 -3.57 4.32 11.08
C SER B 71 -2.99 5.56 10.40
N ALA B 72 -3.63 6.05 9.31
CA ALA B 72 -3.21 7.28 8.61
C ALA B 72 -4.33 7.96 7.85
N ILE B 73 -4.28 9.30 7.78
CA ILE B 73 -5.22 10.17 7.04
C ILE B 73 -4.39 10.83 5.98
N SER B 74 -4.79 10.67 4.71
CA SER B 74 -4.02 11.30 3.67
C SER B 74 -4.57 12.72 3.36
N GLY B 75 -4.33 13.24 2.15
CA GLY B 75 -4.76 14.57 1.74
C GLY B 75 -4.89 14.74 0.24
N ASN B 78 -9.39 14.29 -1.69
CA ASN B 78 -10.18 13.14 -1.24
C ASN B 78 -9.47 12.37 -0.10
N TYR B 79 -9.63 12.90 1.13
CA TYR B 79 -9.04 12.43 2.38
C TYR B 79 -9.32 10.95 2.67
N ALA B 80 -8.29 10.13 2.37
CA ALA B 80 -8.28 8.67 2.52
C ALA B 80 -7.66 8.23 3.84
N SER B 81 -8.47 7.48 4.60
CA SER B 81 -8.19 6.88 5.90
C SER B 81 -7.98 5.38 5.75
N TYR B 82 -6.94 4.86 6.41
CA TYR B 82 -6.62 3.42 6.44
C TYR B 82 -6.11 3.01 7.82
N TYR B 83 -6.32 1.71 8.17
CA TYR B 83 -6.02 1.13 9.47
C TYR B 83 -5.30 -0.19 9.32
N ALA B 84 -4.40 -0.50 10.30
CA ALA B 84 -3.65 -1.75 10.33
C ALA B 84 -4.65 -2.89 10.56
N ASP B 85 -4.45 -4.08 9.93
CA ASP B 85 -5.41 -5.20 10.05
C ASP B 85 -5.78 -5.49 11.52
N SER B 86 -4.78 -5.42 12.40
CA SER B 86 -4.87 -5.61 13.85
C SER B 86 -5.80 -4.61 14.55
N VAL B 87 -6.18 -3.49 13.88
CA VAL B 87 -7.04 -2.45 14.49
C VAL B 87 -8.27 -2.11 13.65
N LYS B 88 -8.47 -2.78 12.52
CA LYS B 88 -9.57 -2.55 11.59
C LYS B 88 -10.98 -2.74 12.23
N GLY B 89 -11.79 -1.70 12.15
CA GLY B 89 -13.17 -1.71 12.62
C GLY B 89 -13.27 -1.16 14.03
N ARG B 90 -12.31 -1.56 14.88
CA ARG B 90 -12.20 -1.13 16.26
C ARG B 90 -11.76 0.32 16.40
N PHE B 91 -10.79 0.80 15.57
CA PHE B 91 -10.24 2.17 15.62
C PHE B 91 -10.73 3.05 14.46
N THR B 92 -10.72 4.40 14.69
CA THR B 92 -11.16 5.44 13.75
C THR B 92 -10.29 6.69 13.88
N ILE B 93 -9.84 7.25 12.72
CA ILE B 93 -9.03 8.48 12.63
C ILE B 93 -9.86 9.63 11.97
N SER B 94 -9.65 10.91 12.41
CA SER B 94 -10.34 12.12 11.92
C SER B 94 -9.53 13.40 12.20
N ARG B 95 -9.33 14.28 11.16
CA ARG B 95 -8.59 15.54 11.29
C ARG B 95 -9.47 16.80 11.50
N ASP B 96 -9.20 17.55 12.60
CA ASP B 96 -9.88 18.81 12.98
C ASP B 96 -9.13 19.96 12.31
N ASN B 97 -9.87 20.87 11.66
CA ASN B 97 -9.23 22.01 11.01
C ASN B 97 -9.67 23.33 11.67
N SER B 98 -10.52 23.19 12.72
CA SER B 98 -11.00 24.28 13.57
C SER B 98 -10.11 24.31 14.82
N LYS B 99 -9.35 23.21 15.05
CA LYS B 99 -8.45 23.02 16.18
C LYS B 99 -7.03 22.55 15.77
N ASN B 100 -6.80 22.30 14.44
CA ASN B 100 -5.52 21.83 13.87
C ASN B 100 -4.90 20.63 14.68
N THR B 101 -5.77 19.64 15.02
CA THR B 101 -5.46 18.44 15.79
C THR B 101 -6.16 17.18 15.22
N VAL B 102 -5.41 16.06 15.05
CA VAL B 102 -5.93 14.76 14.58
C VAL B 102 -6.17 13.81 15.75
N TYR B 103 -7.34 13.17 15.76
CA TYR B 103 -7.78 12.27 16.82
C TYR B 103 -7.80 10.81 16.37
N LEU B 104 -7.80 9.88 17.35
CA LEU B 104 -7.87 8.44 17.14
C LEU B 104 -8.76 7.80 18.20
N GLN B 105 -10.03 7.52 17.86
CA GLN B 105 -10.97 6.83 18.76
C GLN B 105 -10.65 5.35 18.68
N MET B 106 -10.22 4.79 19.79
CA MET B 106 -9.88 3.39 19.86
C MET B 106 -10.98 2.69 20.63
N ASN B 107 -11.89 2.04 19.91
CA ASN B 107 -12.97 1.31 20.56
C ASN B 107 -12.62 -0.18 20.68
N SER B 108 -13.32 -0.90 21.59
CA SER B 108 -13.15 -2.33 21.91
C SER B 108 -11.69 -2.71 22.12
N LEU B 109 -11.00 -1.98 23.01
CA LEU B 109 -9.59 -2.17 23.34
C LEU B 109 -9.24 -3.48 24.04
N ARG B 110 -8.27 -4.22 23.49
CA ARG B 110 -7.76 -5.48 24.05
C ARG B 110 -6.33 -5.29 24.59
N ALA B 111 -5.83 -6.24 25.40
CA ALA B 111 -4.50 -6.18 26.04
C ALA B 111 -3.36 -5.82 25.07
N GLU B 112 -3.33 -6.49 23.90
CA GLU B 112 -2.41 -6.33 22.75
C GLU B 112 -2.21 -4.86 22.33
N ASP B 113 -3.22 -4.01 22.60
CA ASP B 113 -3.23 -2.60 22.26
C ASP B 113 -2.40 -1.74 23.25
N THR B 114 -1.73 -2.40 24.24
CA THR B 114 -0.85 -1.73 25.21
C THR B 114 0.42 -1.36 24.50
N ALA B 115 0.72 -0.05 24.49
CA ALA B 115 1.89 0.52 23.86
C ALA B 115 1.91 2.01 24.17
N THR B 116 2.99 2.69 23.72
CA THR B 116 3.21 4.13 23.78
C THR B 116 2.91 4.57 22.35
N TYR B 117 1.87 5.40 22.18
CA TYR B 117 1.39 5.85 20.89
C TYR B 117 2.02 7.14 20.42
N TYR B 118 2.28 7.22 19.12
CA TYR B 118 2.92 8.35 18.48
C TYR B 118 2.21 8.75 17.21
N CYS B 119 2.53 9.97 16.73
CA CYS B 119 2.04 10.49 15.48
C CYS B 119 3.16 11.19 14.75
N ALA B 120 3.24 10.99 13.42
CA ALA B 120 4.29 11.53 12.57
C ALA B 120 3.78 11.88 11.17
N PRO B 121 4.40 12.88 10.50
CA PRO B 121 3.98 13.22 9.14
C PRO B 121 4.54 12.26 8.10
N GLN B 122 3.68 11.77 7.19
CA GLN B 122 4.06 10.85 6.11
C GLN B 122 4.76 11.66 5.02
N ARG B 123 5.64 11.00 4.23
CA ARG B 123 6.38 11.71 3.17
C ARG B 123 6.37 10.99 1.83
N SER B 124 6.62 11.75 0.76
CA SER B 124 6.76 11.24 -0.60
C SER B 124 8.19 10.68 -0.73
N ILE B 125 8.44 9.75 -1.71
CA ILE B 125 9.77 9.14 -1.95
C ILE B 125 10.90 10.18 -2.03
N TYR B 126 10.58 11.37 -2.57
CA TYR B 126 11.48 12.50 -2.71
C TYR B 126 11.99 12.97 -1.33
N GLN B 127 11.23 12.69 -0.24
CA GLN B 127 11.57 13.05 1.13
C GLN B 127 11.81 11.83 2.03
N SER B 128 11.75 10.61 1.47
CA SER B 128 11.94 9.35 2.20
C SER B 128 13.24 9.24 2.98
N HIS B 129 14.31 9.89 2.49
CA HIS B 129 15.63 9.82 3.09
C HIS B 129 15.95 11.03 3.98
N LYS B 130 14.89 11.63 4.54
CA LYS B 130 15.04 12.75 5.47
C LYS B 130 14.81 12.21 6.90
N PRO B 131 15.63 12.56 7.91
CA PRO B 131 15.41 12.00 9.26
C PRO B 131 14.05 12.30 9.87
N ILE B 132 13.54 11.35 10.67
CA ILE B 132 12.26 11.52 11.37
C ILE B 132 12.57 11.89 12.84
N TYR B 133 11.97 12.98 13.31
CA TYR B 133 12.07 13.44 14.70
C TYR B 133 10.64 13.29 15.21
N TRP B 134 10.46 12.38 16.17
CA TRP B 134 9.15 11.89 16.61
C TRP B 134 8.30 12.81 17.53
N GLY B 135 8.82 13.15 18.69
CA GLY B 135 8.05 13.94 19.64
C GLY B 135 7.40 13.10 20.71
N GLN B 136 6.47 13.70 21.46
CA GLN B 136 5.78 13.07 22.59
C GLN B 136 4.84 11.95 22.14
N GLY B 137 4.80 10.89 22.94
CA GLY B 137 3.93 9.75 22.71
C GLY B 137 3.34 9.27 24.02
N THR B 138 1.98 9.11 24.10
CA THR B 138 1.32 8.70 25.35
C THR B 138 1.24 7.22 25.56
N GLN B 139 1.37 6.82 26.83
CA GLN B 139 1.24 5.46 27.29
C GLN B 139 -0.25 5.07 27.35
N VAL B 140 -0.60 3.92 26.76
CA VAL B 140 -1.95 3.35 26.78
C VAL B 140 -1.80 1.93 27.34
N THR B 141 -2.40 1.65 28.51
CA THR B 141 -2.31 0.34 29.15
C THR B 141 -3.69 -0.29 29.16
N VAL B 142 -3.84 -1.44 28.48
CA VAL B 142 -5.13 -2.11 28.41
C VAL B 142 -5.11 -3.34 29.33
N SER B 143 -5.18 -3.10 30.65
CA SER B 143 -5.18 -4.15 31.67
C SER B 143 -6.50 -4.17 32.47
N SER B 144 -6.83 -5.35 33.02
CA SER B 144 -8.02 -5.60 33.85
C SER B 144 -7.73 -5.34 35.34
#